data_7CZD
#
_entry.id   7CZD
#
_cell.length_a   34.620
_cell.length_b   97.990
_cell.length_c   67.520
_cell.angle_alpha   90.000
_cell.angle_beta   90.020
_cell.angle_gamma   90.000
#
_symmetry.space_group_name_H-M   'P 1 21 1'
#
loop_
_entity.id
_entity.type
_entity.pdbx_description
1 polymer 'anti-PD-L1 VHH'
2 polymer 'Programmed cell death 1 ligand 1'
3 non-polymer 1,2-ETHANEDIOL
4 non-polymer DI(HYDROXYETHYL)ETHER
5 water water
#
loop_
_entity_poly.entity_id
_entity_poly.type
_entity_poly.pdbx_seq_one_letter_code
_entity_poly.pdbx_strand_id
1 'polypeptide(L)'
;EVQLQESGGGLVQPGGSLRLSCAASGFTFSSYWMYWLRQAPGKGLEWVSSINSDSSSTYYRDSVKGRFTISRDNAKNTLY
LQMNSLKSEDTAVYYCAKDPGGYAKGQGTQVTVSSD
;
A,C
2 'polypeptide(L)'
;MFTVTVPKDLYVVEYGSNMTIECKFPVEKQLDLAALIVYWEMEDKNIIQFVHGEEDLKVQHSSYRQRARLLKDQLSLGNA
ALQITDVKLQDAGVYRCMISYGGADYKRITVKVNAPY
;
B,D
#
loop_
_chem_comp.id
_chem_comp.type
_chem_comp.name
_chem_comp.formula
EDO non-polymer 1,2-ETHANEDIOL 'C2 H6 O2'
PEG non-polymer DI(HYDROXYETHYL)ETHER 'C4 H10 O3'
#
# COMPACT_ATOMS: atom_id res chain seq x y z
N GLU A 1 -3.64 -19.74 3.83
CA GLU A 1 -5.11 -19.49 3.79
C GLU A 1 -5.44 -18.15 4.46
N VAL A 2 -6.48 -17.48 3.98
CA VAL A 2 -7.00 -16.21 4.58
C VAL A 2 -7.47 -16.54 6.00
N GLN A 3 -7.12 -15.67 6.96
CA GLN A 3 -7.51 -15.80 8.39
C GLN A 3 -8.13 -14.48 8.83
N LEU A 4 -9.41 -14.51 9.19
CA LEU A 4 -10.19 -13.35 9.70
C LEU A 4 -10.90 -13.80 10.98
N GLN A 5 -10.77 -13.02 12.05
CA GLN A 5 -11.38 -13.35 13.37
CA GLN A 5 -11.39 -13.35 13.36
C GLN A 5 -11.93 -12.07 14.00
N GLU A 6 -13.25 -11.99 14.14
CA GLU A 6 -13.94 -10.83 14.73
C GLU A 6 -13.93 -10.98 16.25
N SER A 7 -14.00 -9.85 16.94
CA SER A 7 -14.15 -9.78 18.41
CA SER A 7 -14.07 -9.73 18.41
C SER A 7 -14.91 -8.51 18.78
N GLY A 8 -15.31 -8.39 20.05
CA GLY A 8 -15.92 -7.17 20.60
C GLY A 8 -17.45 -7.19 20.59
N GLY A 9 -18.07 -8.31 20.17
CA GLY A 9 -19.53 -8.49 20.28
C GLY A 9 -19.96 -8.51 21.73
N GLY A 10 -21.26 -8.35 22.01
CA GLY A 10 -21.81 -8.44 23.37
C GLY A 10 -23.28 -8.11 23.40
N LEU A 11 -23.92 -8.32 24.57
CA LEU A 11 -25.32 -7.92 24.84
C LEU A 11 -25.30 -6.48 25.36
N VAL A 12 -26.08 -5.60 24.74
CA VAL A 12 -26.18 -4.16 25.13
C VAL A 12 -27.66 -3.74 25.09
N GLN A 13 -28.02 -2.71 25.86
CA GLN A 13 -29.35 -2.07 25.84
C GLN A 13 -29.46 -1.19 24.59
N PRO A 14 -30.67 -0.97 24.03
CA PRO A 14 -30.86 0.05 23.00
C PRO A 14 -30.24 1.39 23.43
N GLY A 15 -29.52 2.06 22.50
CA GLY A 15 -28.80 3.31 22.74
C GLY A 15 -27.36 3.06 23.14
N GLY A 16 -26.98 1.80 23.33
CA GLY A 16 -25.65 1.41 23.80
C GLY A 16 -24.59 1.49 22.71
N SER A 17 -23.37 1.09 23.06
CA SER A 17 -22.16 1.16 22.20
C SER A 17 -21.39 -0.15 22.28
N LEU A 18 -20.83 -0.59 21.16
CA LEU A 18 -19.82 -1.68 21.10
C LEU A 18 -18.72 -1.24 20.13
N ARG A 19 -17.50 -1.73 20.33
CA ARG A 19 -16.41 -1.57 19.34
C ARG A 19 -15.99 -2.96 18.86
N LEU A 20 -16.34 -3.31 17.62
CA LEU A 20 -15.91 -4.57 16.99
C LEU A 20 -14.48 -4.41 16.46
N SER A 21 -13.72 -5.48 16.58
CA SER A 21 -12.36 -5.58 15.99
CA SER A 21 -12.33 -5.63 16.06
C SER A 21 -12.31 -6.82 15.11
N CYS A 22 -11.45 -6.78 14.10
CA CYS A 22 -11.24 -7.90 13.17
C CYS A 22 -9.75 -8.01 12.90
N ALA A 23 -9.12 -9.08 13.38
CA ALA A 23 -7.69 -9.42 13.15
C ALA A 23 -7.60 -10.18 11.83
N ALA A 24 -6.68 -9.79 10.94
CA ALA A 24 -6.51 -10.41 9.61
C ALA A 24 -5.09 -10.97 9.46
N SER A 25 -4.98 -12.15 8.84
CA SER A 25 -3.69 -12.76 8.44
C SER A 25 -3.89 -13.64 7.21
N GLY A 26 -2.79 -14.17 6.67
CA GLY A 26 -2.81 -15.10 5.52
C GLY A 26 -3.08 -14.40 4.20
N PHE A 27 -3.18 -13.07 4.21
CA PHE A 27 -3.17 -12.20 3.00
C PHE A 27 -2.64 -10.81 3.38
N THR A 28 -2.26 -10.01 2.39
CA THR A 28 -1.74 -8.63 2.55
C THR A 28 -2.94 -7.70 2.82
N PHE A 29 -3.46 -7.76 4.04
CA PHE A 29 -4.58 -6.94 4.56
C PHE A 29 -4.42 -5.48 4.10
N SER A 30 -3.19 -4.93 4.18
CA SER A 30 -2.88 -3.51 3.92
C SER A 30 -3.12 -3.13 2.45
N SER A 31 -3.33 -4.09 1.55
CA SER A 31 -3.61 -3.84 0.11
C SER A 31 -5.11 -3.72 -0.16
N TYR A 32 -5.96 -4.31 0.69
CA TYR A 32 -7.37 -4.67 0.32
C TYR A 32 -8.39 -3.69 0.90
N TRP A 33 -9.39 -3.34 0.07
CA TRP A 33 -10.72 -2.90 0.57
C TRP A 33 -11.18 -3.91 1.62
N MET A 34 -11.81 -3.45 2.69
CA MET A 34 -12.37 -4.38 3.71
C MET A 34 -13.82 -3.98 4.01
N TYR A 35 -14.60 -4.94 4.50
CA TYR A 35 -16.07 -4.86 4.60
C TYR A 35 -16.53 -5.41 5.95
N TRP A 36 -17.56 -4.76 6.53
CA TRP A 36 -18.40 -5.31 7.62
C TRP A 36 -19.71 -5.79 6.99
N LEU A 37 -20.06 -7.06 7.24
CA LEU A 37 -21.35 -7.67 6.84
C LEU A 37 -22.06 -8.08 8.13
N ARG A 38 -23.35 -8.39 8.05
CA ARG A 38 -24.06 -8.90 9.25
C ARG A 38 -25.23 -9.77 8.81
N GLN A 39 -25.59 -10.74 9.65
CA GLN A 39 -26.73 -11.67 9.40
C GLN A 39 -27.46 -11.98 10.70
N ALA A 40 -28.75 -11.64 10.74
CA ALA A 40 -29.70 -11.94 11.85
C ALA A 40 -30.38 -13.30 11.57
N PRO A 41 -30.92 -13.99 12.60
CA PRO A 41 -31.53 -15.30 12.40
C PRO A 41 -32.73 -15.24 11.44
N GLY A 42 -32.74 -16.11 10.41
CA GLY A 42 -33.82 -16.23 9.42
C GLY A 42 -33.70 -15.23 8.28
N LYS A 43 -32.71 -14.32 8.33
CA LYS A 43 -32.52 -13.24 7.33
C LYS A 43 -31.28 -13.50 6.50
N GLY A 44 -31.14 -12.78 5.39
CA GLY A 44 -29.99 -12.83 4.49
C GLY A 44 -28.81 -12.06 5.06
N LEU A 45 -27.59 -12.51 4.74
CA LEU A 45 -26.35 -11.73 4.92
C LEU A 45 -26.52 -10.38 4.22
N GLU A 46 -26.11 -9.28 4.87
CA GLU A 46 -26.23 -7.92 4.30
C GLU A 46 -24.97 -7.09 4.57
N TRP A 47 -24.72 -6.14 3.67
CA TRP A 47 -23.55 -5.23 3.71
C TRP A 47 -23.82 -4.14 4.74
N VAL A 48 -22.80 -3.80 5.55
CA VAL A 48 -22.90 -2.73 6.59
C VAL A 48 -21.98 -1.57 6.24
N SER A 49 -20.74 -1.82 5.83
CA SER A 49 -19.73 -0.74 5.64
CA SER A 49 -19.74 -0.74 5.61
C SER A 49 -18.54 -1.25 4.80
N SER A 50 -17.88 -0.33 4.10
CA SER A 50 -16.65 -0.53 3.28
C SER A 50 -15.60 0.52 3.66
N ILE A 51 -14.33 0.15 3.59
CA ILE A 51 -13.19 1.10 3.69
C ILE A 51 -12.07 0.65 2.75
N ASN A 52 -11.49 1.59 1.99
CA ASN A 52 -10.31 1.32 1.13
C ASN A 52 -9.04 1.23 1.96
N SER A 53 -7.94 0.78 1.37
CA SER A 53 -6.68 0.49 2.09
C SER A 53 -6.16 1.75 2.81
N ASP A 54 -6.24 2.93 2.17
CA ASP A 54 -5.58 4.18 2.68
C ASP A 54 -6.56 5.00 3.54
N SER A 55 -7.79 4.49 3.77
CA SER A 55 -8.85 5.07 4.63
C SER A 55 -9.40 6.39 4.07
N SER A 56 -9.17 6.69 2.78
CA SER A 56 -9.63 7.93 2.11
C SER A 56 -11.13 7.86 1.80
N SER A 57 -11.70 6.65 1.70
CA SER A 57 -13.11 6.42 1.33
C SER A 57 -13.77 5.42 2.28
N THR A 58 -14.91 5.78 2.85
CA THR A 58 -15.76 4.91 3.70
C THR A 58 -17.20 5.02 3.20
N TYR A 59 -17.94 3.90 3.27
CA TYR A 59 -19.36 3.80 2.88
C TYR A 59 -20.11 3.04 3.97
N TYR A 60 -21.40 3.33 4.13
CA TYR A 60 -22.26 2.73 5.20
C TYR A 60 -23.65 2.48 4.65
N ARG A 61 -24.28 1.37 5.06
CA ARG A 61 -25.71 1.11 4.74
C ARG A 61 -26.51 2.26 5.37
N ASP A 62 -27.60 2.68 4.71
CA ASP A 62 -28.42 3.84 5.12
C ASP A 62 -28.78 3.73 6.60
N SER A 63 -29.13 2.54 7.08
CA SER A 63 -29.69 2.31 8.44
C SER A 63 -28.64 2.57 9.53
N VAL A 64 -27.34 2.64 9.21
CA VAL A 64 -26.27 2.82 10.25
C VAL A 64 -25.52 4.15 10.06
N LYS A 65 -25.80 4.93 9.01
CA LYS A 65 -25.13 6.25 8.77
C LYS A 65 -25.26 7.13 10.01
N GLY A 66 -24.14 7.69 10.48
CA GLY A 66 -24.08 8.60 11.63
C GLY A 66 -24.00 7.87 12.97
N ARG A 67 -24.13 6.53 12.98
CA ARG A 67 -24.12 5.73 14.24
C ARG A 67 -22.87 4.84 14.27
N PHE A 68 -22.53 4.21 13.14
CA PHE A 68 -21.39 3.28 12.96
C PHE A 68 -20.23 4.02 12.28
N THR A 69 -18.99 3.77 12.72
CA THR A 69 -17.76 4.33 12.07
C THR A 69 -16.78 3.18 11.80
N ILE A 70 -16.39 3.00 10.54
CA ILE A 70 -15.38 1.98 10.12
C ILE A 70 -14.01 2.65 10.15
N SER A 71 -12.97 1.92 10.55
CA SER A 71 -11.58 2.38 10.51
C SER A 71 -10.70 1.13 10.41
N ARG A 72 -9.41 1.31 10.22
CA ARG A 72 -8.45 0.19 10.09
C ARG A 72 -7.07 0.63 10.57
N ASP A 73 -6.30 -0.33 11.07
CA ASP A 73 -4.85 -0.18 11.33
C ASP A 73 -4.12 -1.21 10.45
N ASN A 74 -3.50 -0.72 9.37
CA ASN A 74 -2.75 -1.54 8.38
C ASN A 74 -1.46 -2.09 8.99
N ALA A 75 -0.93 -1.49 10.06
CA ALA A 75 0.27 -2.01 10.77
C ALA A 75 -0.12 -3.16 11.70
N LYS A 76 -1.31 -3.08 12.29
CA LYS A 76 -1.85 -4.08 13.25
C LYS A 76 -2.73 -5.12 12.51
N ASN A 77 -2.87 -4.98 11.18
CA ASN A 77 -3.75 -5.84 10.35
C ASN A 77 -5.11 -6.00 11.03
N THR A 78 -5.70 -4.87 11.46
CA THR A 78 -6.97 -4.85 12.23
C THR A 78 -7.97 -3.90 11.58
N LEU A 79 -9.21 -4.36 11.46
CA LEU A 79 -10.36 -3.56 10.99
C LEU A 79 -11.28 -3.32 12.19
N TYR A 80 -11.85 -2.12 12.29
CA TYR A 80 -12.67 -1.70 13.45
C TYR A 80 -14.07 -1.31 12.97
N LEU A 81 -15.06 -1.49 13.86
CA LEU A 81 -16.40 -0.87 13.69
C LEU A 81 -16.84 -0.33 15.05
N GLN A 82 -16.80 1.00 15.18
CA GLN A 82 -17.37 1.71 16.36
C GLN A 82 -18.87 1.82 16.13
N MET A 83 -19.67 1.13 16.95
CA MET A 83 -21.15 1.12 16.86
CA MET A 83 -21.15 1.09 16.88
C MET A 83 -21.74 1.89 18.05
N ASN A 84 -22.30 3.07 17.78
CA ASN A 84 -22.96 3.93 18.79
C ASN A 84 -24.48 3.90 18.55
N SER A 85 -25.27 4.40 19.50
CA SER A 85 -26.75 4.54 19.37
C SER A 85 -27.37 3.24 18.85
N LEU A 86 -26.99 2.10 19.43
CA LEU A 86 -27.38 0.76 18.90
C LEU A 86 -28.90 0.56 19.03
N LYS A 87 -29.49 -0.05 18.01
CA LYS A 87 -30.94 -0.33 17.90
C LYS A 87 -31.18 -1.84 17.92
N SER A 88 -32.35 -2.27 18.40
CA SER A 88 -32.82 -3.67 18.38
C SER A 88 -32.56 -4.27 16.98
N GLU A 89 -32.77 -3.49 15.91
CA GLU A 89 -32.66 -3.96 14.51
C GLU A 89 -31.19 -4.28 14.16
N ASP A 90 -30.24 -3.82 14.97
CA ASP A 90 -28.78 -4.05 14.74
C ASP A 90 -28.37 -5.45 15.23
N THR A 91 -29.24 -6.17 15.96
CA THR A 91 -28.95 -7.53 16.47
C THR A 91 -28.60 -8.43 15.28
N ALA A 92 -27.47 -9.14 15.36
CA ALA A 92 -26.96 -10.03 14.29
C ALA A 92 -25.55 -10.51 14.65
N VAL A 93 -25.10 -11.56 13.96
CA VAL A 93 -23.66 -11.94 13.87
C VAL A 93 -23.01 -10.97 12.88
N TYR A 94 -21.96 -10.27 13.32
CA TYR A 94 -21.18 -9.30 12.49
C TYR A 94 -19.93 -9.99 11.98
N TYR A 95 -19.67 -9.79 10.70
CA TYR A 95 -18.56 -10.42 9.95
C TYR A 95 -17.69 -9.32 9.34
N CYS A 96 -16.37 -9.46 9.44
CA CYS A 96 -15.40 -8.78 8.56
C CYS A 96 -15.11 -9.69 7.36
N ALA A 97 -15.00 -9.11 6.18
CA ALA A 97 -14.83 -9.83 4.90
C ALA A 97 -13.86 -9.05 4.00
N LYS A 98 -13.06 -9.77 3.21
CA LYS A 98 -12.18 -9.17 2.18
C LYS A 98 -12.89 -9.20 0.82
N ASP A 99 -14.16 -9.62 0.77
CA ASP A 99 -15.00 -9.53 -0.46
C ASP A 99 -16.41 -9.17 -0.02
N PRO A 100 -17.18 -8.50 -0.91
CA PRO A 100 -18.55 -8.09 -0.57
C PRO A 100 -19.61 -9.20 -0.63
N GLY A 101 -19.23 -10.45 -0.91
CA GLY A 101 -20.18 -11.59 -0.96
C GLY A 101 -20.15 -12.43 0.31
N GLY A 102 -19.21 -12.15 1.22
CA GLY A 102 -18.96 -12.98 2.41
C GLY A 102 -18.37 -14.33 2.05
N TYR A 103 -17.66 -14.46 0.91
CA TYR A 103 -16.95 -15.71 0.56
C TYR A 103 -15.81 -15.94 1.58
N ALA A 104 -15.00 -14.91 1.82
CA ALA A 104 -13.85 -14.90 2.75
C ALA A 104 -14.15 -13.95 3.90
N LYS A 105 -14.68 -14.48 5.00
CA LYS A 105 -15.06 -13.70 6.21
C LYS A 105 -14.72 -14.52 7.45
N GLY A 106 -14.79 -13.91 8.63
CA GLY A 106 -14.49 -14.60 9.90
C GLY A 106 -15.63 -15.48 10.36
N GLN A 107 -15.49 -16.10 11.53
CA GLN A 107 -16.55 -16.95 12.13
CA GLN A 107 -16.53 -16.94 12.20
C GLN A 107 -17.64 -16.04 12.72
N GLY A 108 -17.36 -14.74 12.88
CA GLY A 108 -18.34 -13.72 13.29
C GLY A 108 -18.34 -13.46 14.79
N THR A 109 -18.93 -12.33 15.20
CA THR A 109 -19.13 -11.94 16.62
C THR A 109 -20.60 -11.55 16.81
N GLN A 110 -21.25 -12.10 17.82
CA GLN A 110 -22.69 -11.88 18.12
C GLN A 110 -22.86 -10.49 18.74
N VAL A 111 -23.70 -9.64 18.15
CA VAL A 111 -24.17 -8.35 18.72
C VAL A 111 -25.66 -8.51 19.03
N THR A 112 -26.04 -8.39 20.31
CA THR A 112 -27.45 -8.46 20.75
C THR A 112 -27.82 -7.14 21.44
N VAL A 113 -28.83 -6.44 20.90
CA VAL A 113 -29.38 -5.17 21.47
C VAL A 113 -30.82 -5.46 21.92
N SER A 114 -31.06 -5.48 23.23
CA SER A 114 -32.40 -5.84 23.82
CA SER A 114 -32.39 -5.85 23.81
C SER A 114 -32.52 -5.31 25.24
N SER A 115 -33.73 -4.87 25.61
CA SER A 115 -34.10 -4.34 26.96
C SER A 115 -34.17 -5.51 27.95
N ASP A 116 -34.67 -6.67 27.50
CA ASP A 116 -34.87 -7.90 28.31
C ASP A 116 -35.98 -7.66 29.34
N MET B 1 -35.04 -13.69 0.17
CA MET B 1 -33.90 -12.82 0.57
C MET B 1 -33.01 -12.53 -0.65
N PHE B 2 -32.23 -11.45 -0.59
CA PHE B 2 -31.22 -11.09 -1.62
C PHE B 2 -30.37 -12.31 -1.93
N THR B 3 -30.45 -12.80 -3.16
CA THR B 3 -29.72 -14.00 -3.64
C THR B 3 -29.06 -13.69 -4.97
N VAL B 4 -27.76 -13.98 -5.09
CA VAL B 4 -27.04 -14.00 -6.40
C VAL B 4 -27.34 -15.36 -7.04
N THR B 5 -27.74 -15.37 -8.30
CA THR B 5 -28.12 -16.61 -9.04
C THR B 5 -27.25 -16.75 -10.29
N VAL B 6 -27.06 -18.01 -10.70
CA VAL B 6 -26.24 -18.41 -11.88
C VAL B 6 -27.06 -19.40 -12.71
N PRO B 7 -27.99 -18.91 -13.58
CA PRO B 7 -28.82 -19.78 -14.42
C PRO B 7 -27.98 -20.69 -15.33
N LYS B 8 -26.75 -20.26 -15.62
CA LYS B 8 -25.70 -21.09 -16.27
C LYS B 8 -24.45 -20.99 -15.40
N ASP B 9 -23.99 -22.11 -14.82
CA ASP B 9 -22.83 -22.15 -13.89
C ASP B 9 -21.78 -23.14 -14.41
N LEU B 10 -21.85 -23.51 -15.69
CA LEU B 10 -20.87 -24.37 -16.40
C LEU B 10 -20.64 -23.76 -17.79
N TYR B 11 -19.39 -23.41 -18.10
CA TYR B 11 -18.99 -22.89 -19.42
C TYR B 11 -17.84 -23.77 -19.93
N VAL B 12 -18.12 -24.58 -20.96
CA VAL B 12 -17.06 -25.36 -21.68
C VAL B 12 -16.72 -24.55 -22.92
N VAL B 13 -15.51 -24.01 -22.97
CA VAL B 13 -15.04 -22.95 -23.90
CA VAL B 13 -15.12 -23.02 -24.00
C VAL B 13 -13.89 -23.52 -24.75
N GLU B 14 -13.76 -23.08 -26.00
CA GLU B 14 -12.65 -23.41 -26.91
C GLU B 14 -11.45 -22.54 -26.54
N TYR B 15 -10.24 -23.10 -26.56
CA TYR B 15 -8.99 -22.32 -26.36
C TYR B 15 -9.00 -21.13 -27.33
N GLY B 16 -8.63 -19.96 -26.83
CA GLY B 16 -8.43 -18.74 -27.64
C GLY B 16 -9.74 -18.05 -27.98
N SER B 17 -10.88 -18.56 -27.50
CA SER B 17 -12.21 -17.93 -27.72
C SER B 17 -12.34 -16.72 -26.78
N ASN B 18 -13.44 -15.98 -26.88
CA ASN B 18 -13.90 -15.01 -25.85
C ASN B 18 -15.07 -15.68 -25.10
N MET B 19 -15.31 -15.29 -23.86
CA MET B 19 -16.49 -15.78 -23.10
C MET B 19 -17.00 -14.66 -22.20
N THR B 20 -18.32 -14.65 -21.95
CA THR B 20 -18.92 -13.83 -20.88
C THR B 20 -19.59 -14.79 -19.88
N ILE B 21 -19.18 -14.74 -18.62
CA ILE B 21 -19.85 -15.53 -17.54
C ILE B 21 -20.64 -14.56 -16.67
N GLU B 22 -21.79 -14.99 -16.19
CA GLU B 22 -22.86 -14.08 -15.71
C GLU B 22 -23.42 -14.56 -14.38
N CYS B 23 -23.53 -13.63 -13.43
CA CYS B 23 -24.26 -13.78 -12.14
C CYS B 23 -25.37 -12.74 -12.06
N LYS B 24 -26.57 -13.15 -11.69
CA LYS B 24 -27.74 -12.25 -11.56
C LYS B 24 -27.87 -11.81 -10.11
N PHE B 25 -28.27 -10.57 -9.90
CA PHE B 25 -28.63 -10.02 -8.57
C PHE B 25 -29.87 -9.15 -8.76
N PRO B 26 -30.82 -9.18 -7.79
CA PRO B 26 -32.06 -8.42 -7.95
C PRO B 26 -31.83 -6.91 -7.87
N VAL B 27 -32.37 -6.18 -8.86
CA VAL B 27 -32.33 -4.70 -8.92
C VAL B 27 -33.79 -4.22 -9.01
N GLU B 28 -34.20 -3.33 -8.11
CA GLU B 28 -35.53 -2.66 -8.11
C GLU B 28 -35.37 -1.30 -8.82
N LYS B 29 -36.11 -1.10 -9.91
CA LYS B 29 -36.10 0.16 -10.71
C LYS B 29 -34.64 0.49 -11.07
N GLN B 30 -34.21 1.74 -10.82
CA GLN B 30 -32.90 2.26 -11.30
C GLN B 30 -31.79 1.81 -10.34
N LEU B 31 -30.76 1.16 -10.88
CA LEU B 31 -29.54 0.75 -10.14
C LEU B 31 -28.93 1.97 -9.46
N ASP B 32 -28.57 1.82 -8.18
CA ASP B 32 -27.75 2.80 -7.43
C ASP B 32 -26.29 2.35 -7.47
N LEU B 33 -25.52 2.83 -8.46
CA LEU B 33 -24.12 2.38 -8.67
C LEU B 33 -23.29 2.60 -7.40
N ALA B 34 -23.58 3.65 -6.63
CA ALA B 34 -22.82 4.00 -5.41
C ALA B 34 -23.03 2.95 -4.30
N ALA B 35 -24.10 2.17 -4.34
CA ALA B 35 -24.40 1.11 -3.34
C ALA B 35 -23.86 -0.25 -3.81
N LEU B 36 -23.39 -0.36 -5.05
CA LEU B 36 -23.04 -1.68 -5.66
C LEU B 36 -21.55 -1.99 -5.46
N ILE B 37 -21.27 -3.22 -5.01
CA ILE B 37 -19.89 -3.78 -4.92
C ILE B 37 -19.90 -5.15 -5.59
N VAL B 38 -19.13 -5.30 -6.67
CA VAL B 38 -19.03 -6.55 -7.48
C VAL B 38 -17.56 -6.95 -7.55
N TYR B 39 -17.23 -8.14 -7.05
CA TYR B 39 -15.90 -8.78 -7.19
C TYR B 39 -16.04 -10.02 -8.06
N TRP B 40 -15.06 -10.24 -8.92
CA TRP B 40 -14.78 -11.54 -9.57
C TRP B 40 -13.39 -12.00 -9.17
N GLU B 41 -13.30 -13.23 -8.71
CA GLU B 41 -12.03 -13.89 -8.31
C GLU B 41 -12.08 -15.31 -8.85
N MET B 42 -10.95 -15.99 -8.87
CA MET B 42 -10.90 -17.43 -9.18
C MET B 42 -9.67 -17.98 -8.45
N GLU B 43 -9.86 -19.02 -7.65
CA GLU B 43 -8.82 -19.59 -6.75
C GLU B 43 -8.30 -18.43 -5.89
N ASP B 44 -7.00 -18.13 -5.93
CA ASP B 44 -6.36 -17.08 -5.10
C ASP B 44 -6.06 -15.85 -5.96
N LYS B 45 -6.71 -15.73 -7.12
CA LYS B 45 -6.45 -14.64 -8.11
C LYS B 45 -7.56 -13.59 -8.01
N ASN B 46 -7.17 -12.31 -8.05
CA ASN B 46 -8.06 -11.13 -8.16
C ASN B 46 -8.30 -10.86 -9.64
N ILE B 47 -9.56 -10.74 -10.06
CA ILE B 47 -9.91 -10.46 -11.48
C ILE B 47 -10.56 -9.07 -11.56
N ILE B 48 -11.73 -8.89 -10.93
CA ILE B 48 -12.47 -7.60 -10.91
C ILE B 48 -12.72 -7.16 -9.47
N GLN B 49 -12.42 -5.90 -9.15
CA GLN B 49 -12.96 -5.19 -7.95
C GLN B 49 -13.67 -3.93 -8.43
N PHE B 50 -14.99 -3.96 -8.45
CA PHE B 50 -15.85 -2.80 -8.82
C PHE B 50 -16.55 -2.35 -7.55
N VAL B 51 -16.13 -1.20 -7.01
CA VAL B 51 -16.38 -0.80 -5.60
C VAL B 51 -17.11 0.55 -5.60
N HIS B 52 -18.39 0.54 -5.26
CA HIS B 52 -19.20 1.78 -5.08
C HIS B 52 -19.08 2.66 -6.35
N GLY B 53 -19.20 2.03 -7.52
CA GLY B 53 -19.40 2.72 -8.80
C GLY B 53 -18.15 2.85 -9.66
N GLU B 54 -16.99 2.34 -9.22
CA GLU B 54 -15.70 2.54 -9.91
C GLU B 54 -14.84 1.29 -9.77
N GLU B 55 -14.20 0.85 -10.86
CA GLU B 55 -13.26 -0.31 -10.81
C GLU B 55 -11.98 0.13 -10.11
N ASP B 56 -11.42 -0.75 -9.29
CA ASP B 56 -10.08 -0.58 -8.66
C ASP B 56 -9.18 -1.68 -9.23
N LEU B 57 -8.09 -1.31 -9.89
CA LEU B 57 -7.21 -2.27 -10.61
C LEU B 57 -5.98 -2.65 -9.77
N LYS B 58 -5.82 -2.12 -8.55
CA LYS B 58 -4.53 -2.20 -7.81
C LYS B 58 -4.08 -3.66 -7.64
N VAL B 59 -4.96 -4.58 -7.25
CA VAL B 59 -4.58 -5.98 -6.86
C VAL B 59 -4.93 -6.99 -7.95
N GLN B 60 -5.39 -6.54 -9.12
CA GLN B 60 -5.79 -7.41 -10.25
C GLN B 60 -4.59 -8.28 -10.65
N HIS B 61 -4.80 -9.57 -10.90
CA HIS B 61 -3.72 -10.54 -11.25
C HIS B 61 -3.22 -10.26 -12.67
N SER B 62 -1.90 -10.34 -12.90
CA SER B 62 -1.23 -10.02 -14.19
C SER B 62 -1.84 -10.81 -15.35
N SER B 63 -2.22 -12.06 -15.09
CA SER B 63 -2.74 -12.98 -16.15
CA SER B 63 -2.77 -13.01 -16.11
C SER B 63 -4.04 -12.43 -16.74
N TYR B 64 -4.79 -11.63 -15.98
CA TYR B 64 -6.13 -11.11 -16.35
C TYR B 64 -6.07 -9.63 -16.80
N ARG B 65 -4.92 -8.96 -16.73
CA ARG B 65 -4.84 -7.54 -17.18
C ARG B 65 -5.15 -7.44 -18.69
N GLN B 66 -6.06 -6.52 -19.03
CA GLN B 66 -6.47 -6.16 -20.42
CA GLN B 66 -6.49 -6.14 -20.40
C GLN B 66 -7.42 -7.23 -21.01
N ARG B 67 -7.46 -8.43 -20.44
CA ARG B 67 -8.34 -9.54 -20.94
C ARG B 67 -9.66 -9.59 -20.18
N ALA B 68 -9.70 -9.09 -18.94
CA ALA B 68 -10.86 -9.22 -18.04
C ALA B 68 -11.59 -7.88 -17.90
N ARG B 69 -12.89 -7.85 -18.19
CA ARG B 69 -13.73 -6.62 -18.15
C ARG B 69 -15.11 -6.96 -17.57
N LEU B 70 -15.60 -6.11 -16.68
CA LEU B 70 -16.99 -6.17 -16.19
C LEU B 70 -17.85 -5.33 -17.13
N LEU B 71 -18.89 -5.91 -17.71
CA LEU B 71 -19.74 -5.18 -18.68
C LEU B 71 -20.64 -4.23 -17.91
N LYS B 72 -20.26 -2.95 -17.84
CA LYS B 72 -20.95 -1.95 -16.99
C LYS B 72 -22.42 -1.79 -17.44
N ASP B 73 -22.71 -1.91 -18.74
CA ASP B 73 -24.07 -1.69 -19.29
C ASP B 73 -25.01 -2.85 -18.90
N GLN B 74 -24.48 -3.95 -18.35
CA GLN B 74 -25.27 -5.12 -17.86
C GLN B 74 -25.70 -4.90 -16.41
N LEU B 75 -24.97 -4.08 -15.64
CA LEU B 75 -25.21 -3.92 -14.17
C LEU B 75 -26.64 -3.42 -13.93
N SER B 76 -27.11 -2.43 -14.69
CA SER B 76 -28.46 -1.81 -14.55
C SER B 76 -29.56 -2.86 -14.77
N LEU B 77 -29.24 -4.00 -15.42
CA LEU B 77 -30.17 -5.14 -15.61
C LEU B 77 -30.03 -6.17 -14.48
N GLY B 78 -29.22 -5.88 -13.44
CA GLY B 78 -28.98 -6.82 -12.35
C GLY B 78 -28.21 -8.02 -12.84
N ASN B 79 -27.22 -7.76 -13.70
CA ASN B 79 -26.38 -8.82 -14.30
C ASN B 79 -24.93 -8.40 -14.10
N ALA B 80 -24.18 -9.18 -13.31
CA ALA B 80 -22.72 -9.05 -13.16
C ALA B 80 -22.07 -9.96 -14.20
N ALA B 81 -21.56 -9.37 -15.28
CA ALA B 81 -21.10 -10.06 -16.51
C ALA B 81 -19.59 -9.86 -16.66
N LEU B 82 -18.82 -10.93 -16.51
CA LEU B 82 -17.35 -10.88 -16.67
C LEU B 82 -17.00 -11.38 -18.07
N GLN B 83 -16.40 -10.50 -18.88
CA GLN B 83 -15.87 -10.88 -20.20
C GLN B 83 -14.38 -11.22 -20.06
N ILE B 84 -14.00 -12.42 -20.52
CA ILE B 84 -12.57 -12.81 -20.68
CA ILE B 84 -12.57 -12.82 -20.67
C ILE B 84 -12.30 -13.01 -22.17
N THR B 85 -11.35 -12.26 -22.73
CA THR B 85 -10.96 -12.37 -24.16
C THR B 85 -9.74 -13.30 -24.28
N ASP B 86 -9.61 -14.00 -25.40
CA ASP B 86 -8.41 -14.84 -25.72
CA ASP B 86 -8.40 -14.83 -25.70
C ASP B 86 -8.19 -15.84 -24.57
N VAL B 87 -9.15 -16.72 -24.35
CA VAL B 87 -9.16 -17.66 -23.19
C VAL B 87 -7.94 -18.58 -23.29
N LYS B 88 -7.28 -18.81 -22.15
CA LYS B 88 -6.09 -19.70 -22.07
CA LYS B 88 -6.07 -19.66 -22.00
C LYS B 88 -6.44 -20.97 -21.29
N LEU B 89 -5.65 -22.03 -21.44
CA LEU B 89 -5.91 -23.29 -20.70
C LEU B 89 -5.92 -22.98 -19.20
N GLN B 90 -5.04 -22.07 -18.74
CA GLN B 90 -4.91 -21.68 -17.32
C GLN B 90 -6.14 -20.89 -16.84
N ASP B 91 -7.02 -20.44 -17.75
CA ASP B 91 -8.29 -19.76 -17.37
C ASP B 91 -9.30 -20.79 -16.84
N ALA B 92 -9.09 -22.08 -17.10
CA ALA B 92 -9.92 -23.17 -16.54
C ALA B 92 -9.93 -23.05 -15.02
N GLY B 93 -11.10 -23.25 -14.41
CA GLY B 93 -11.24 -23.35 -12.94
C GLY B 93 -12.58 -22.83 -12.46
N VAL B 94 -12.69 -22.69 -11.14
CA VAL B 94 -13.94 -22.23 -10.49
C VAL B 94 -13.80 -20.73 -10.25
N TYR B 95 -14.70 -19.95 -10.85
CA TYR B 95 -14.81 -18.49 -10.71
C TYR B 95 -15.83 -18.23 -9.62
N ARG B 96 -15.66 -17.13 -8.87
CA ARG B 96 -16.72 -16.70 -7.92
C ARG B 96 -17.06 -15.24 -8.20
N CYS B 97 -18.35 -14.94 -8.16
CA CYS B 97 -18.91 -13.58 -8.21
C CYS B 97 -19.44 -13.25 -6.82
N MET B 98 -18.93 -12.18 -6.22
CA MET B 98 -19.26 -11.76 -4.85
C MET B 98 -19.84 -10.35 -4.95
N ILE B 99 -21.08 -10.18 -4.49
CA ILE B 99 -21.87 -8.96 -4.76
C ILE B 99 -22.50 -8.48 -3.45
N SER B 100 -22.29 -7.20 -3.13
CA SER B 100 -23.14 -6.45 -2.16
CA SER B 100 -23.15 -6.45 -2.16
C SER B 100 -23.99 -5.44 -2.93
N TYR B 101 -25.29 -5.47 -2.68
CA TYR B 101 -26.28 -4.49 -3.18
C TYR B 101 -27.41 -4.49 -2.15
N GLY B 102 -27.11 -3.93 -0.98
CA GLY B 102 -27.93 -4.06 0.24
C GLY B 102 -27.61 -5.37 0.93
N GLY B 103 -28.13 -6.47 0.40
CA GLY B 103 -27.76 -7.84 0.79
C GLY B 103 -26.37 -8.18 0.27
N ALA B 104 -25.81 -9.29 0.74
CA ALA B 104 -24.49 -9.81 0.33
C ALA B 104 -24.61 -11.31 0.03
N ASP B 105 -24.10 -11.74 -1.11
CA ASP B 105 -24.11 -13.16 -1.52
C ASP B 105 -23.04 -13.39 -2.58
N TYR B 106 -22.76 -14.66 -2.85
CA TYR B 106 -21.82 -15.07 -3.92
C TYR B 106 -22.32 -16.36 -4.55
N LYS B 107 -21.82 -16.65 -5.75
CA LYS B 107 -21.99 -17.96 -6.42
C LYS B 107 -20.68 -18.33 -7.12
N ARG B 108 -20.53 -19.62 -7.43
CA ARG B 108 -19.35 -20.18 -8.12
C ARG B 108 -19.77 -20.60 -9.53
N ILE B 109 -18.88 -20.42 -10.50
CA ILE B 109 -19.05 -20.86 -11.92
C ILE B 109 -17.86 -21.72 -12.31
N THR B 110 -18.11 -22.87 -12.95
CA THR B 110 -17.07 -23.79 -13.47
C THR B 110 -16.76 -23.39 -14.91
N VAL B 111 -15.49 -23.11 -15.21
CA VAL B 111 -15.01 -22.91 -16.60
C VAL B 111 -14.05 -24.05 -16.97
N LYS B 112 -14.33 -24.70 -18.10
CA LYS B 112 -13.48 -25.77 -18.68
CA LYS B 112 -13.51 -25.79 -18.70
C LYS B 112 -13.02 -25.30 -20.06
N VAL B 113 -11.73 -25.45 -20.35
CA VAL B 113 -11.15 -24.99 -21.64
C VAL B 113 -10.72 -26.22 -22.43
N ASN B 114 -11.34 -26.45 -23.59
CA ASN B 114 -11.01 -27.56 -24.51
C ASN B 114 -9.62 -27.32 -25.11
N ALA B 115 -8.88 -28.39 -25.41
CA ALA B 115 -7.53 -28.35 -25.99
C ALA B 115 -7.59 -27.59 -27.32
N PRO B 116 -6.51 -26.87 -27.71
CA PRO B 116 -6.50 -26.18 -29.00
C PRO B 116 -6.30 -27.17 -30.15
N TYR B 117 -6.51 -26.72 -31.39
CA TYR B 117 -6.25 -27.49 -32.64
C TYR B 117 -4.74 -27.52 -32.89
N GLU C 1 18.41 26.12 5.24
CA GLU C 1 19.21 25.89 6.47
C GLU C 1 20.27 24.81 6.21
N VAL C 2 19.88 23.62 5.71
CA VAL C 2 20.84 22.50 5.47
C VAL C 2 21.88 22.99 4.45
N GLN C 3 23.16 22.79 4.78
CA GLN C 3 24.31 23.21 3.95
C GLN C 3 25.22 22.00 3.74
N LEU C 4 25.42 21.60 2.48
CA LEU C 4 26.30 20.48 2.09
C LEU C 4 27.12 20.93 0.88
N GLN C 5 28.45 20.72 0.90
CA GLN C 5 29.33 21.04 -0.25
CA GLN C 5 29.30 21.01 -0.28
C GLN C 5 30.42 19.98 -0.39
N GLU C 6 30.47 19.33 -1.55
CA GLU C 6 31.45 18.27 -1.89
C GLU C 6 32.71 18.95 -2.44
N SER C 7 33.86 18.32 -2.20
CA SER C 7 35.16 18.72 -2.79
CA SER C 7 35.19 18.73 -2.71
C SER C 7 36.01 17.48 -3.05
N GLY C 8 37.09 17.64 -3.82
CA GLY C 8 38.12 16.61 -4.04
C GLY C 8 37.95 15.88 -5.36
N GLY C 9 36.93 16.21 -6.15
CA GLY C 9 36.74 15.67 -7.51
C GLY C 9 37.91 16.07 -8.41
N GLY C 10 38.14 15.32 -9.47
CA GLY C 10 39.20 15.62 -10.47
C GLY C 10 39.26 14.59 -11.57
N LEU C 11 40.19 14.77 -12.51
CA LEU C 11 40.50 13.78 -13.58
C LEU C 11 41.59 12.84 -13.05
N VAL C 12 41.47 11.55 -13.34
CA VAL C 12 42.45 10.51 -12.91
C VAL C 12 42.44 9.38 -13.96
N GLN C 13 43.56 8.67 -14.10
CA GLN C 13 43.72 7.48 -14.98
C GLN C 13 42.98 6.29 -14.37
N PRO C 14 42.50 5.32 -15.18
CA PRO C 14 41.94 4.08 -14.64
C PRO C 14 42.96 3.41 -13.70
N GLY C 15 42.50 2.93 -12.54
CA GLY C 15 43.35 2.33 -11.48
C GLY C 15 43.85 3.37 -10.50
N GLY C 16 43.60 4.66 -10.76
CA GLY C 16 44.02 5.79 -9.91
C GLY C 16 43.16 5.92 -8.67
N SER C 17 43.53 6.84 -7.77
CA SER C 17 42.82 7.08 -6.48
CA SER C 17 42.82 7.08 -6.48
C SER C 17 42.38 8.54 -6.38
N LEU C 18 41.32 8.78 -5.60
CA LEU C 18 40.75 10.12 -5.30
C LEU C 18 40.10 10.05 -3.92
N ARG C 19 40.24 11.10 -3.10
CA ARG C 19 39.51 11.24 -1.81
C ARG C 19 38.53 12.40 -1.93
N LEU C 20 37.23 12.11 -1.86
CA LEU C 20 36.17 13.16 -1.83
C LEU C 20 35.96 13.56 -0.36
N SER C 21 35.63 14.82 -0.13
CA SER C 21 35.16 15.31 1.19
C SER C 21 33.84 16.04 0.99
N CYS C 22 33.13 16.23 2.09
CA CYS C 22 31.80 16.88 2.13
C CYS C 22 31.65 17.63 3.45
N ALA C 23 31.59 18.96 3.39
CA ALA C 23 31.40 19.84 4.57
C ALA C 23 29.90 20.01 4.81
N ALA C 24 29.46 19.82 6.06
CA ALA C 24 28.04 19.85 6.44
C ALA C 24 27.81 20.92 7.50
N SER C 25 26.69 21.65 7.42
CA SER C 25 26.25 22.58 8.49
CA SER C 25 26.27 22.63 8.45
C SER C 25 24.75 22.85 8.33
N GLY C 26 24.16 23.57 9.29
CA GLY C 26 22.73 23.92 9.30
C GLY C 26 21.86 22.73 9.71
N PHE C 27 22.48 21.66 10.21
CA PHE C 27 21.80 20.52 10.88
C PHE C 27 22.85 19.80 11.73
N THR C 28 22.40 19.00 12.70
CA THR C 28 23.29 18.24 13.62
C THR C 28 23.84 17.02 12.87
N PHE C 29 24.82 17.22 11.98
CA PHE C 29 25.49 16.17 11.16
C PHE C 29 25.83 14.96 12.04
N SER C 30 26.31 15.20 13.26
CA SER C 30 26.82 14.14 14.17
C SER C 30 25.71 13.16 14.57
N SER C 31 24.45 13.52 14.35
CA SER C 31 23.26 12.68 14.67
C SER C 31 22.90 11.73 13.52
N TYR C 32 23.26 12.04 12.28
CA TYR C 32 22.57 11.49 11.06
C TYR C 32 23.40 10.43 10.32
N TRP C 33 22.70 9.37 9.87
CA TRP C 33 23.13 8.57 8.71
C TRP C 33 23.50 9.55 7.59
N MET C 34 24.62 9.32 6.93
CA MET C 34 25.01 10.12 5.73
C MET C 34 25.23 9.18 4.54
N TYR C 35 25.07 9.71 3.33
CA TYR C 35 25.06 8.92 2.07
C TYR C 35 25.98 9.57 1.04
N TRP C 36 26.65 8.73 0.24
CA TRP C 36 27.21 9.13 -1.08
C TRP C 36 26.29 8.61 -2.18
N LEU C 37 25.90 9.51 -3.07
CA LEU C 37 25.13 9.20 -4.31
C LEU C 37 25.99 9.63 -5.50
N ARG C 38 25.68 9.15 -6.70
CA ARG C 38 26.36 9.65 -7.92
C ARG C 38 25.40 9.59 -9.10
N GLN C 39 25.63 10.46 -10.10
CA GLN C 39 24.87 10.48 -11.37
C GLN C 39 25.86 10.63 -12.53
N ALA C 40 25.91 9.65 -13.42
CA ALA C 40 26.65 9.65 -14.70
C ALA C 40 25.73 10.20 -15.79
N PRO C 41 26.27 10.74 -16.90
CA PRO C 41 25.43 11.38 -17.93
C PRO C 41 24.37 10.43 -18.52
N GLY C 42 23.15 10.94 -18.71
CA GLY C 42 22.00 10.20 -19.28
C GLY C 42 21.37 9.23 -18.28
N LYS C 43 22.10 8.86 -17.22
CA LYS C 43 21.68 7.84 -16.22
C LYS C 43 21.07 8.52 -15.00
N GLY C 44 20.32 7.76 -14.20
CA GLY C 44 19.66 8.23 -12.98
C GLY C 44 20.65 8.41 -11.84
N LEU C 45 20.29 9.23 -10.85
CA LEU C 45 20.98 9.30 -9.54
C LEU C 45 20.96 7.90 -8.91
N GLU C 46 22.09 7.42 -8.40
CA GLU C 46 22.16 6.07 -7.79
C GLU C 46 22.89 6.14 -6.45
N TRP C 47 22.60 5.18 -5.58
CA TRP C 47 23.21 5.08 -4.23
C TRP C 47 24.60 4.47 -4.36
N VAL C 48 25.58 5.02 -3.64
CA VAL C 48 26.99 4.54 -3.61
C VAL C 48 27.29 3.93 -2.24
N SER C 49 27.02 4.66 -1.15
CA SER C 49 27.48 4.26 0.21
C SER C 49 26.65 4.91 1.31
N SER C 50 26.51 4.19 2.44
CA SER C 50 25.84 4.65 3.68
C SER C 50 26.80 4.49 4.85
N ILE C 51 26.75 5.42 5.81
CA ILE C 51 27.46 5.29 7.11
C ILE C 51 26.57 5.86 8.21
N ASN C 52 26.48 5.15 9.33
CA ASN C 52 25.70 5.64 10.50
C ASN C 52 26.56 6.64 11.27
N SER C 53 25.96 7.31 12.27
CA SER C 53 26.62 8.42 12.99
C SER C 53 27.87 7.91 13.69
N ASP C 54 27.85 6.69 14.25
CA ASP C 54 28.97 6.17 15.07
C ASP C 54 29.98 5.36 14.23
N SER C 55 29.78 5.25 12.91
CA SER C 55 30.70 4.60 11.94
C SER C 55 30.72 3.08 12.14
N SER C 56 29.80 2.51 12.94
CA SER C 56 29.77 1.07 13.28
C SER C 56 29.27 0.23 12.10
N SER C 57 28.52 0.86 11.18
CA SER C 57 27.94 0.18 9.99
CA SER C 57 27.94 0.18 9.99
C SER C 57 28.23 1.01 8.73
N THR C 58 28.81 0.36 7.73
CA THR C 58 29.02 0.94 6.39
C THR C 58 28.40 -0.01 5.38
N TYR C 59 27.84 0.55 4.32
CA TYR C 59 27.26 -0.20 3.19
C TYR C 59 27.77 0.40 1.89
N TYR C 60 27.91 -0.44 0.86
CA TYR C 60 28.43 -0.04 -0.47
C TYR C 60 27.63 -0.75 -1.55
N ARG C 61 27.38 -0.06 -2.66
CA ARG C 61 26.82 -0.74 -3.86
C ARG C 61 27.81 -1.83 -4.28
N ASP C 62 27.30 -2.94 -4.80
CA ASP C 62 28.12 -4.15 -5.15
C ASP C 62 29.35 -3.73 -5.97
N SER C 63 29.20 -2.79 -6.91
CA SER C 63 30.23 -2.46 -7.94
C SER C 63 31.43 -1.70 -7.35
N VAL C 64 31.34 -1.22 -6.11
CA VAL C 64 32.42 -0.37 -5.49
C VAL C 64 32.98 -1.06 -4.23
N LYS C 65 32.36 -2.14 -3.78
CA LYS C 65 32.78 -2.90 -2.57
C LYS C 65 34.24 -3.32 -2.76
N GLY C 66 35.09 -3.02 -1.77
CA GLY C 66 36.52 -3.35 -1.78
C GLY C 66 37.36 -2.28 -2.47
N ARG C 67 36.74 -1.30 -3.13
CA ARG C 67 37.44 -0.21 -3.84
C ARG C 67 37.20 1.14 -3.14
N PHE C 68 35.99 1.37 -2.62
CA PHE C 68 35.61 2.65 -1.96
C PHE C 68 35.51 2.40 -0.45
N THR C 69 35.89 3.41 0.33
CA THR C 69 35.72 3.42 1.81
C THR C 69 35.04 4.72 2.20
N ILE C 70 33.90 4.62 2.88
CA ILE C 70 33.18 5.80 3.45
C ILE C 70 33.69 5.99 4.89
N SER C 71 33.85 7.25 5.31
CA SER C 71 34.21 7.63 6.69
C SER C 71 33.66 9.02 6.99
N ARG C 72 33.69 9.39 8.26
CA ARG C 72 33.13 10.68 8.74
C ARG C 72 33.96 11.18 9.91
N ASP C 73 33.97 12.51 10.05
CA ASP C 73 34.48 13.20 11.26
C ASP C 73 33.34 14.07 11.80
N ASN C 74 32.71 13.64 12.89
CA ASN C 74 31.53 14.32 13.51
C ASN C 74 31.97 15.63 14.18
N ALA C 75 33.24 15.76 14.53
CA ALA C 75 33.82 17.00 15.11
C ALA C 75 34.00 18.07 14.02
N LYS C 76 34.49 17.67 12.84
CA LYS C 76 34.76 18.57 11.68
C LYS C 76 33.52 18.69 10.78
N ASN C 77 32.43 17.97 11.10
CA ASN C 77 31.20 17.95 10.26
C ASN C 77 31.60 17.60 8.80
N THR C 78 32.45 16.60 8.60
CA THR C 78 32.94 16.22 7.26
C THR C 78 32.66 14.74 6.97
N LEU C 79 32.19 14.47 5.77
CA LEU C 79 32.03 13.10 5.21
C LEU C 79 33.10 12.90 4.15
N TYR C 80 33.65 11.69 4.06
CA TYR C 80 34.74 11.34 3.12
C TYR C 80 34.37 10.09 2.33
N LEU C 81 34.92 10.01 1.11
CA LEU C 81 34.87 8.79 0.26
C LEU C 81 36.26 8.59 -0.32
N GLN C 82 36.95 7.54 0.12
CA GLN C 82 38.27 7.15 -0.42
C GLN C 82 37.98 6.23 -1.60
N MET C 83 38.29 6.67 -2.81
CA MET C 83 38.01 5.90 -4.05
CA MET C 83 38.00 5.94 -4.08
C MET C 83 39.33 5.41 -4.64
N ASN C 84 39.53 4.09 -4.63
CA ASN C 84 40.75 3.41 -5.10
C ASN C 84 40.41 2.58 -6.36
N SER C 85 41.43 2.22 -7.12
CA SER C 85 41.32 1.33 -8.31
C SER C 85 40.15 1.79 -9.17
N LEU C 86 40.12 3.07 -9.54
CA LEU C 86 38.96 3.71 -10.23
C LEU C 86 38.78 3.11 -11.62
N LYS C 87 37.53 3.01 -12.07
CA LYS C 87 37.12 2.41 -13.37
C LYS C 87 36.32 3.44 -14.17
N SER C 88 36.13 3.19 -15.47
CA SER C 88 35.34 4.05 -16.39
C SER C 88 33.92 4.27 -15.81
N GLU C 89 33.34 3.22 -15.22
CA GLU C 89 31.94 3.22 -14.72
C GLU C 89 31.81 4.12 -13.47
N ASP C 90 32.94 4.55 -12.88
CA ASP C 90 32.96 5.42 -11.67
C ASP C 90 32.91 6.90 -12.07
N THR C 91 33.04 7.22 -13.36
CA THR C 91 32.84 8.58 -13.91
C THR C 91 31.42 9.04 -13.59
N ALA C 92 31.27 10.17 -12.90
CA ALA C 92 29.97 10.70 -12.43
C ALA C 92 30.18 11.98 -11.62
N VAL C 93 29.10 12.74 -11.43
CA VAL C 93 29.01 13.76 -10.35
C VAL C 93 28.69 13.01 -9.06
N TYR C 94 29.49 13.21 -8.01
CA TYR C 94 29.29 12.59 -6.69
C TYR C 94 28.66 13.61 -5.74
N TYR C 95 27.63 13.16 -5.02
CA TYR C 95 26.87 13.98 -4.05
C TYR C 95 26.93 13.33 -2.68
N CYS C 96 27.18 14.15 -1.66
CA CYS C 96 26.88 13.78 -0.26
C CYS C 96 25.44 14.21 0.05
N ALA C 97 24.71 13.39 0.78
CA ALA C 97 23.27 13.58 1.02
C ALA C 97 22.93 13.15 2.44
N LYS C 98 21.97 13.82 3.06
CA LYS C 98 21.48 13.46 4.41
C LYS C 98 20.19 12.66 4.30
N ASP C 99 19.74 12.36 3.07
CA ASP C 99 18.62 11.40 2.83
C ASP C 99 18.99 10.56 1.61
N PRO C 100 18.42 9.33 1.51
CA PRO C 100 18.72 8.42 0.42
C PRO C 100 18.00 8.71 -0.92
N GLY C 101 17.18 9.76 -1.00
CA GLY C 101 16.51 10.14 -2.25
C GLY C 101 17.21 11.31 -2.95
N GLY C 102 18.22 11.91 -2.31
CA GLY C 102 18.97 13.06 -2.84
C GLY C 102 18.16 14.36 -2.74
N TYR C 103 17.20 14.44 -1.81
CA TYR C 103 16.41 15.68 -1.57
C TYR C 103 17.35 16.76 -1.03
N ALA C 104 18.13 16.40 -0.01
CA ALA C 104 19.08 17.29 0.68
C ALA C 104 20.50 16.81 0.38
N LYS C 105 21.13 17.37 -0.66
CA LYS C 105 22.49 16.94 -1.09
C LYS C 105 23.27 18.19 -1.55
N GLY C 106 24.57 18.05 -1.73
CA GLY C 106 25.40 19.20 -2.16
C GLY C 106 25.26 19.46 -3.65
N GLN C 107 26.00 20.44 -4.18
CA GLN C 107 25.96 20.80 -5.62
C GLN C 107 26.72 19.74 -6.43
N GLY C 108 27.50 18.90 -5.76
CA GLY C 108 28.19 17.74 -6.36
C GLY C 108 29.61 18.08 -6.76
N THR C 109 30.46 17.06 -6.90
CA THR C 109 31.86 17.18 -7.38
C THR C 109 32.09 16.16 -8.50
N GLN C 110 32.75 16.60 -9.58
CA GLN C 110 32.96 15.81 -10.82
C GLN C 110 34.16 14.87 -10.64
N VAL C 111 33.93 13.57 -10.84
CA VAL C 111 34.97 12.52 -10.93
C VAL C 111 34.98 12.01 -12.38
N THR C 112 36.10 12.19 -13.09
CA THR C 112 36.29 11.71 -14.48
C THR C 112 37.46 10.72 -14.49
N VAL C 113 37.19 9.49 -14.90
CA VAL C 113 38.21 8.42 -15.11
C VAL C 113 38.41 8.29 -16.62
N SER C 114 39.61 8.62 -17.12
CA SER C 114 39.97 8.60 -18.56
C SER C 114 39.91 7.16 -19.09
N MET D 1 14.90 4.74 -16.12
CA MET D 1 15.76 4.90 -14.90
C MET D 1 14.89 4.76 -13.64
N PHE D 2 15.52 4.38 -12.52
CA PHE D 2 14.86 4.22 -11.19
C PHE D 2 14.10 5.49 -10.84
N THR D 3 12.77 5.40 -10.77
CA THR D 3 11.87 6.56 -10.54
C THR D 3 10.89 6.19 -9.42
N VAL D 4 10.81 7.04 -8.40
CA VAL D 4 9.75 6.95 -7.35
C VAL D 4 8.52 7.68 -7.91
N THR D 5 7.33 7.09 -7.76
CA THR D 5 6.07 7.65 -8.32
C THR D 5 4.99 7.74 -7.24
N VAL D 6 4.10 8.72 -7.42
CA VAL D 6 2.99 9.03 -6.49
C VAL D 6 1.70 9.10 -7.30
N PRO D 7 1.04 7.95 -7.58
CA PRO D 7 -0.21 7.97 -8.34
C PRO D 7 -1.24 8.87 -7.65
N LYS D 8 -1.17 8.93 -6.31
CA LYS D 8 -2.00 9.83 -5.47
C LYS D 8 -1.05 10.70 -4.65
N ASP D 9 -1.01 12.00 -4.91
CA ASP D 9 -0.06 12.92 -4.23
C ASP D 9 -0.83 14.04 -3.53
N LEU D 10 -2.12 13.83 -3.32
CA LEU D 10 -3.01 14.75 -2.58
C LEU D 10 -3.92 13.91 -1.70
N TYR D 11 -3.87 14.16 -0.39
CA TYR D 11 -4.73 13.48 0.62
C TYR D 11 -5.40 14.58 1.44
N VAL D 12 -6.68 14.79 1.20
CA VAL D 12 -7.56 15.65 2.04
C VAL D 12 -8.23 14.70 3.03
N VAL D 13 -7.87 14.80 4.31
CA VAL D 13 -8.31 13.84 5.36
C VAL D 13 -9.08 14.57 6.47
N GLU D 14 -9.95 13.83 7.16
CA GLU D 14 -10.76 14.36 8.27
C GLU D 14 -9.90 14.33 9.53
N TYR D 15 -10.03 15.35 10.38
CA TYR D 15 -9.36 15.42 11.70
C TYR D 15 -9.70 14.13 12.47
N GLY D 16 -8.67 13.47 13.00
CA GLY D 16 -8.84 12.30 13.88
C GLY D 16 -8.90 10.99 13.11
N SER D 17 -8.93 11.03 11.77
CA SER D 17 -8.92 9.81 10.94
C SER D 17 -7.52 9.20 10.96
N ASN D 18 -7.41 7.98 10.44
CA ASN D 18 -6.12 7.36 10.05
C ASN D 18 -5.94 7.58 8.55
N MET D 19 -4.71 7.57 8.08
CA MET D 19 -4.40 7.68 6.64
C MET D 19 -3.16 6.84 6.35
N THR D 20 -3.10 6.29 5.14
CA THR D 20 -1.88 5.67 4.57
C THR D 20 -1.53 6.48 3.33
N ILE D 21 -0.31 7.02 3.26
CA ILE D 21 0.17 7.75 2.04
C ILE D 21 1.32 6.95 1.43
N GLU D 22 1.38 6.92 0.10
CA GLU D 22 2.06 5.81 -0.63
C GLU D 22 2.96 6.37 -1.74
N CYS D 23 4.23 5.98 -1.72
CA CYS D 23 5.20 6.15 -2.84
C CYS D 23 5.56 4.78 -3.42
N LYS D 24 5.50 4.67 -4.75
CA LYS D 24 5.92 3.43 -5.44
C LYS D 24 7.38 3.54 -5.87
N PHE D 25 8.11 2.44 -5.80
CA PHE D 25 9.49 2.30 -6.32
C PHE D 25 9.56 0.93 -6.99
N PRO D 26 10.33 0.76 -8.08
CA PRO D 26 10.38 -0.53 -8.78
C PRO D 26 11.12 -1.64 -8.03
N VAL D 27 10.41 -2.76 -7.86
CA VAL D 27 10.96 -4.06 -7.35
CA VAL D 27 10.96 -4.06 -7.36
C VAL D 27 10.66 -5.12 -8.42
N GLU D 28 11.70 -5.61 -9.10
CA GLU D 28 11.58 -6.55 -10.25
C GLU D 28 11.60 -8.00 -9.74
N LYS D 29 12.58 -8.34 -8.91
CA LYS D 29 12.75 -9.70 -8.32
C LYS D 29 12.39 -9.63 -6.84
N GLN D 30 12.68 -10.69 -6.08
CA GLN D 30 12.45 -10.74 -4.60
C GLN D 30 13.18 -9.56 -3.95
N LEU D 31 12.47 -8.74 -3.19
CA LEU D 31 13.03 -7.55 -2.50
C LEU D 31 14.27 -7.96 -1.69
N ASP D 32 15.37 -7.24 -1.88
CA ASP D 32 16.58 -7.32 -1.01
C ASP D 32 16.48 -6.22 0.04
N LEU D 33 15.93 -6.54 1.22
CA LEU D 33 15.71 -5.58 2.33
C LEU D 33 17.01 -4.91 2.74
N ALA D 34 18.14 -5.63 2.65
CA ALA D 34 19.47 -5.14 3.04
C ALA D 34 19.90 -3.98 2.12
N ALA D 35 19.35 -3.89 0.91
CA ALA D 35 19.71 -2.88 -0.11
C ALA D 35 18.76 -1.67 -0.07
N LEU D 36 17.70 -1.73 0.74
CA LEU D 36 16.61 -0.73 0.74
C LEU D 36 16.86 0.33 1.84
N ILE D 37 16.71 1.59 1.46
CA ILE D 37 16.74 2.78 2.37
C ILE D 37 15.49 3.59 2.05
N VAL D 38 14.61 3.78 3.03
CA VAL D 38 13.34 4.52 2.84
C VAL D 38 13.22 5.56 3.96
N TYR D 39 13.12 6.84 3.59
CA TYR D 39 12.90 7.96 4.54
C TYR D 39 11.54 8.57 4.25
N TRP D 40 10.83 8.95 5.31
CA TRP D 40 9.67 9.85 5.28
C TRP D 40 10.00 11.05 6.14
N GLU D 41 9.91 12.26 5.57
CA GLU D 41 10.07 13.54 6.29
C GLU D 41 8.91 14.47 5.91
N MET D 42 8.70 15.51 6.70
CA MET D 42 7.87 16.66 6.27
C MET D 42 8.44 17.91 6.93
N GLU D 43 8.58 18.99 6.15
CA GLU D 43 9.26 20.25 6.56
C GLU D 43 10.65 19.89 7.10
N ASP D 44 10.95 20.17 8.38
CA ASP D 44 12.28 19.85 8.99
C ASP D 44 12.10 18.72 10.00
N LYS D 45 11.03 17.92 9.88
CA LYS D 45 10.65 16.88 10.86
C LYS D 45 11.04 15.50 10.29
N ASN D 46 11.69 14.69 11.12
CA ASN D 46 12.02 13.27 10.81
C ASN D 46 10.82 12.40 11.19
N ILE D 47 10.30 11.59 10.25
CA ILE D 47 9.14 10.69 10.51
C ILE D 47 9.62 9.24 10.51
N ILE D 48 10.18 8.77 9.39
CA ILE D 48 10.68 7.38 9.25
C ILE D 48 12.10 7.40 8.72
N GLN D 49 12.99 6.59 9.30
CA GLN D 49 14.29 6.20 8.72
C GLN D 49 14.36 4.68 8.73
N PHE D 50 14.15 4.06 7.57
CA PHE D 50 14.28 2.61 7.35
C PHE D 50 15.58 2.38 6.58
N VAL D 51 16.61 1.91 7.28
CA VAL D 51 18.00 1.91 6.76
C VAL D 51 18.48 0.47 6.63
N HIS D 52 18.66 -0.01 5.39
CA HIS D 52 19.29 -1.32 5.10
C HIS D 52 18.61 -2.43 5.91
N GLY D 53 17.27 -2.37 5.98
CA GLY D 53 16.39 -3.46 6.44
C GLY D 53 15.84 -3.25 7.83
N GLU D 54 16.29 -2.22 8.56
CA GLU D 54 15.91 -1.97 9.98
C GLU D 54 15.47 -0.50 10.15
N GLU D 55 14.44 -0.23 10.95
CA GLU D 55 14.07 1.18 11.27
C GLU D 55 15.06 1.71 12.30
N ASP D 56 15.42 2.98 12.17
CA ASP D 56 16.22 3.75 13.16
C ASP D 56 15.32 4.87 13.69
N LEU D 57 15.08 4.89 15.01
CA LEU D 57 14.12 5.81 15.66
C LEU D 57 14.83 7.01 16.29
N LYS D 58 16.17 7.09 16.18
CA LYS D 58 16.97 8.02 17.02
C LYS D 58 16.55 9.49 16.82
N VAL D 59 16.30 9.93 15.59
CA VAL D 59 16.05 11.37 15.29
C VAL D 59 14.56 11.60 14.97
N GLN D 60 13.71 10.58 15.12
CA GLN D 60 12.26 10.67 14.85
C GLN D 60 11.66 11.80 15.69
N HIS D 61 10.85 12.65 15.09
CA HIS D 61 10.21 13.83 15.74
C HIS D 61 9.22 13.34 16.80
N SER D 62 9.12 14.06 17.92
CA SER D 62 8.23 13.72 19.06
C SER D 62 6.77 13.66 18.59
N SER D 63 6.37 14.58 17.71
CA SER D 63 5.00 14.71 17.13
C SER D 63 4.55 13.40 16.46
N TYR D 64 5.48 12.64 15.88
CA TYR D 64 5.20 11.46 15.03
C TYR D 64 5.52 10.15 15.77
N ARG D 65 5.96 10.24 17.03
CA ARG D 65 6.20 9.05 17.90
C ARG D 65 4.86 8.33 18.15
N GLN D 66 4.84 7.00 17.96
CA GLN D 66 3.71 6.08 18.25
C GLN D 66 2.63 6.15 17.15
N ARG D 67 2.60 7.20 16.34
CA ARG D 67 1.51 7.46 15.36
C ARG D 67 1.96 7.16 13.92
N ALA D 68 3.26 7.06 13.68
CA ALA D 68 3.84 6.94 12.31
C ALA D 68 4.51 5.57 12.14
N ARG D 69 4.09 4.81 11.11
CA ARG D 69 4.58 3.43 10.87
CA ARG D 69 4.60 3.43 10.87
C ARG D 69 4.76 3.20 9.36
N LEU D 70 5.88 2.63 8.97
CA LEU D 70 6.10 2.17 7.57
C LEU D 70 5.54 0.74 7.47
N LEU D 71 4.64 0.48 6.51
CA LEU D 71 4.02 -0.85 6.37
C LEU D 71 5.05 -1.77 5.69
N LYS D 72 5.67 -2.64 6.46
CA LYS D 72 6.81 -3.48 5.99
C LYS D 72 6.32 -4.46 4.91
N ASP D 73 5.09 -4.97 4.99
CA ASP D 73 4.56 -5.98 4.04
C ASP D 73 4.28 -5.34 2.67
N GLN D 74 4.29 -4.01 2.56
CA GLN D 74 4.09 -3.26 1.28
C GLN D 74 5.41 -3.12 0.53
N LEU D 75 6.54 -3.18 1.24
CA LEU D 75 7.87 -2.92 0.62
C LEU D 75 8.14 -3.91 -0.52
N SER D 76 7.83 -5.19 -0.31
CA SER D 76 8.12 -6.27 -1.30
C SER D 76 7.26 -6.09 -2.55
N LEU D 77 6.24 -5.21 -2.51
CA LEU D 77 5.41 -4.80 -3.69
C LEU D 77 5.92 -3.51 -4.32
N GLY D 78 7.09 -3.01 -3.91
CA GLY D 78 7.61 -1.73 -4.39
C GLY D 78 6.72 -0.58 -3.94
N ASN D 79 6.24 -0.64 -2.70
CA ASN D 79 5.34 0.37 -2.11
C ASN D 79 5.92 0.78 -0.75
N ALA D 80 6.30 2.05 -0.63
CA ALA D 80 6.66 2.73 0.64
C ALA D 80 5.38 3.38 1.16
N ALA D 81 4.76 2.77 2.16
CA ALA D 81 3.42 3.17 2.67
C ALA D 81 3.59 3.69 4.09
N LEU D 82 3.39 5.00 4.29
CA LEU D 82 3.46 5.64 5.63
C LEU D 82 2.04 5.76 6.17
N GLN D 83 1.76 5.06 7.28
CA GLN D 83 0.48 5.17 8.00
C GLN D 83 0.67 6.17 9.13
N ILE D 84 -0.22 7.17 9.23
CA ILE D 84 -0.31 8.07 10.42
C ILE D 84 -1.68 7.84 11.04
N THR D 85 -1.72 7.50 12.33
CA THR D 85 -3.01 7.30 13.04
C THR D 85 -3.38 8.61 13.72
N ASP D 86 -4.69 8.87 13.85
CA ASP D 86 -5.25 10.00 14.62
C ASP D 86 -4.64 11.32 14.13
N VAL D 87 -4.95 11.68 12.88
CA VAL D 87 -4.36 12.85 12.19
C VAL D 87 -4.84 14.14 12.86
N LYS D 88 -3.93 15.09 13.05
CA LYS D 88 -4.20 16.40 13.70
C LYS D 88 -3.96 17.49 12.65
N LEU D 89 -4.38 18.73 12.93
CA LEU D 89 -4.17 19.86 11.99
C LEU D 89 -2.67 20.05 11.75
N GLN D 90 -1.85 19.73 12.75
CA GLN D 90 -0.36 19.84 12.72
C GLN D 90 0.19 18.92 11.61
N ASP D 91 -0.54 17.86 11.26
CA ASP D 91 -0.09 16.84 10.27
C ASP D 91 -0.27 17.37 8.84
N ALA D 92 -0.96 18.49 8.64
CA ALA D 92 -1.09 19.11 7.30
C ALA D 92 0.28 19.60 6.84
N GLY D 93 0.58 19.46 5.54
CA GLY D 93 1.83 19.96 4.93
C GLY D 93 2.30 19.07 3.80
N VAL D 94 3.55 19.29 3.37
CA VAL D 94 4.20 18.58 2.23
C VAL D 94 5.08 17.48 2.81
N TYR D 95 4.73 16.22 2.55
CA TYR D 95 5.52 15.05 2.98
C TYR D 95 6.46 14.67 1.84
N ARG D 96 7.66 14.18 2.16
CA ARG D 96 8.54 13.62 1.13
C ARG D 96 8.90 12.19 1.49
N CYS D 97 8.90 11.34 0.47
CA CYS D 97 9.44 9.97 0.51
C CYS D 97 10.74 9.95 -0.30
N MET D 98 11.81 9.50 0.33
CA MET D 98 13.18 9.52 -0.24
C MET D 98 13.69 8.09 -0.20
N ILE D 99 14.01 7.50 -1.35
CA ILE D 99 14.28 6.03 -1.46
C ILE D 99 15.56 5.80 -2.26
N SER D 100 16.47 5.02 -1.69
CA SER D 100 17.55 4.30 -2.41
C SER D 100 17.19 2.81 -2.48
N TYR D 101 17.20 2.24 -3.68
CA TYR D 101 17.14 0.77 -3.92
C TYR D 101 17.88 0.50 -5.24
N GLY D 102 19.20 0.59 -5.18
CA GLY D 102 20.06 0.68 -6.37
C GLY D 102 20.09 2.12 -6.84
N GLY D 103 19.03 2.58 -7.51
CA GLY D 103 18.81 4.00 -7.84
C GLY D 103 18.36 4.78 -6.63
N ALA D 104 18.28 6.11 -6.76
CA ALA D 104 17.92 7.05 -5.67
C ALA D 104 17.00 8.12 -6.23
N ASP D 105 15.87 8.34 -5.59
CA ASP D 105 14.89 9.38 -6.02
C ASP D 105 13.97 9.71 -4.85
N TYR D 106 13.13 10.72 -5.02
CA TYR D 106 12.13 11.14 -4.02
C TYR D 106 10.94 11.78 -4.72
N LYS D 107 9.78 11.78 -4.04
CA LYS D 107 8.57 12.53 -4.44
C LYS D 107 8.00 13.28 -3.21
N ARG D 108 7.05 14.17 -3.49
CA ARG D 108 6.32 14.96 -2.47
C ARG D 108 4.84 14.57 -2.51
N ILE D 109 4.22 14.49 -1.34
CA ILE D 109 2.75 14.30 -1.16
C ILE D 109 2.22 15.48 -0.33
N THR D 110 1.12 16.08 -0.77
CA THR D 110 0.38 17.13 -0.03
C THR D 110 -0.69 16.47 0.85
N VAL D 111 -0.65 16.74 2.15
CA VAL D 111 -1.73 16.36 3.10
C VAL D 111 -2.45 17.62 3.55
N LYS D 112 -3.77 17.60 3.47
CA LYS D 112 -4.66 18.67 4.00
CA LYS D 112 -4.69 18.67 3.96
C LYS D 112 -5.61 18.02 5.00
N VAL D 113 -5.76 18.65 6.18
CA VAL D 113 -6.59 18.08 7.27
C VAL D 113 -7.81 18.99 7.47
N ASN D 114 -9.02 18.48 7.23
CA ASN D 114 -10.29 19.23 7.44
C ASN D 114 -10.47 19.50 8.94
N ALA D 115 -11.09 20.63 9.27
CA ALA D 115 -11.49 20.98 10.65
C ALA D 115 -12.44 19.92 11.18
N PRO D 116 -12.42 19.60 12.49
CA PRO D 116 -13.39 18.69 13.07
C PRO D 116 -14.75 19.37 13.22
N TYR D 117 -15.77 18.62 13.63
CA TYR D 117 -17.12 19.16 13.94
C TYR D 117 -17.05 19.99 15.22
C1 EDO E . -2.00 -10.61 -2.33
O1 EDO E . -2.69 -9.43 -2.67
C2 EDO E . -2.69 -11.40 -1.29
O2 EDO E . -2.10 -11.25 -0.02
C1 EDO F . -18.64 -1.46 -20.68
O1 EDO F . -18.25 -1.66 -19.34
C2 EDO F . -20.09 -1.23 -20.84
O2 EDO F . -20.86 -2.41 -20.81
C1 EDO G . -30.14 -1.15 -2.27
O1 EDO G . -29.36 -1.27 -1.10
C2 EDO G . -29.66 -0.08 -3.17
O2 EDO G . -29.94 1.22 -2.70
C1 EDO H . 19.94 -3.04 -5.63
O1 EDO H . 20.01 -4.33 -5.05
C2 EDO H . 18.89 -2.94 -6.67
O2 EDO H . 18.84 -4.05 -7.55
C1 EDO I . 3.80 -5.14 8.82
O1 EDO I . 3.51 -4.84 7.47
C2 EDO I . 3.79 -3.93 9.68
O2 EDO I . 4.87 -3.05 9.42
C1 EDO J . 8.24 16.98 -6.81
O1 EDO J . 7.71 17.97 -5.93
C2 EDO J . 8.11 15.63 -6.23
O2 EDO J . 6.77 15.28 -5.96
C1 PEG K . 12.15 -1.06 -13.46
O1 PEG K . 13.40 -0.81 -12.85
C2 PEG K . 11.33 0.18 -13.63
O2 PEG K . 10.05 -0.13 -14.18
C3 PEG K . 9.13 -0.66 -13.25
C4 PEG K . 8.41 0.45 -12.55
O4 PEG K . 7.36 -0.04 -11.73
#